data_4JPQ
#
_entry.id   4JPQ
#
_cell.length_a   96.860
_cell.length_b   96.860
_cell.length_c   137.644
_cell.angle_alpha   90.000
_cell.angle_beta   90.000
_cell.angle_gamma   90.000
#
_symmetry.space_group_name_H-M   'P 43 21 2'
#
loop_
_entity.id
_entity.type
_entity.pdbx_description
1 polymer 'Uncharacterized protein'
2 non-polymer '3-CYCLOHEXYL-1-PROPYLSULFONIC ACID'
3 non-polymer 'SULFATE ION'
4 water water
#
_entity_poly.entity_id   1
_entity_poly.type   'polypeptide(L)'
_entity_poly.pdbx_seq_one_letter_code
;GQSGKSLSVKKV(MSE)CTASPEGEAVPSLLDGNGIEFQPLDVVNWKDYPYKPEVSFRIAHTGREILLHYKVKEASVRAV
ASGDNGRVWEDACVEFFVSPEGDDRYYNFECNCAGRLLIQGGAVNERRPTASQEVLG(MSE)VKRWSSLAGEPFEERLGE
CSWELV(MSE)VIPVSAFFQHSVGSLDGKT(MSE)KGNFYKCGDKLQTPHFLSWSPIGLERP(MSE)FHCPAFFGTLSFE
;
_entity_poly.pdbx_strand_id   A,B
#
loop_
_chem_comp.id
_chem_comp.type
_chem_comp.name
_chem_comp.formula
CXS non-polymer '3-CYCLOHEXYL-1-PROPYLSULFONIC ACID' 'C9 H19 N O3 S'
SO4 non-polymer 'SULFATE ION' 'O4 S -2'
#
# COMPACT_ATOMS: atom_id res chain seq x y z
N GLN A 2 -7.36 23.59 12.50
CA GLN A 2 -7.97 22.28 12.88
C GLN A 2 -9.25 22.04 12.06
N SER A 3 -9.63 20.76 11.91
CA SER A 3 -10.74 20.28 11.04
C SER A 3 -10.36 20.44 9.57
N GLY A 4 -11.01 19.62 8.75
CA GLY A 4 -10.84 19.69 7.30
C GLY A 4 -11.91 20.56 6.70
N LYS A 5 -11.78 20.77 5.40
CA LYS A 5 -12.75 21.56 4.62
C LYS A 5 -14.07 20.78 4.41
N SER A 6 -15.07 21.51 3.92
CA SER A 6 -16.38 20.96 3.62
C SER A 6 -16.89 21.39 2.24
N LEU A 7 -17.65 20.49 1.62
CA LEU A 7 -18.26 20.69 0.31
C LEU A 7 -19.67 20.20 0.21
N SER A 8 -20.50 20.95 -0.52
CA SER A 8 -21.86 20.57 -0.87
C SER A 8 -21.78 20.02 -2.29
N VAL A 9 -22.17 18.76 -2.46
CA VAL A 9 -22.20 18.10 -3.74
C VAL A 9 -23.66 18.21 -4.18
N LYS A 10 -23.94 19.18 -5.07
CA LYS A 10 -25.30 19.41 -5.56
C LYS A 10 -25.78 18.26 -6.44
N LYS A 11 -27.09 17.97 -6.41
CA LYS A 11 -27.68 16.91 -7.23
C LYS A 11 -28.07 17.45 -8.60
N VAL A 12 -27.82 16.64 -9.63
CA VAL A 12 -28.19 16.91 -11.01
C VAL A 12 -29.11 15.74 -11.45
N MSE A 13 -30.14 16.06 -12.22
CA MSE A 13 -31.20 15.11 -12.63
C MSE A 13 -30.96 14.52 -13.99
O MSE A 13 -31.12 15.20 -15.01
CB MSE A 13 -32.55 15.82 -12.65
CG MSE A 13 -32.86 16.70 -11.45
SE MSE A 13 -33.20 15.56 -9.90
CE MSE A 13 -32.76 17.11 -8.77
N CYS A 14 -30.60 13.22 -14.05
CA CYS A 14 -30.29 12.52 -15.29
C CYS A 14 -31.03 11.22 -15.33
N THR A 15 -31.81 10.94 -16.39
CA THR A 15 -32.50 9.64 -16.53
C THR A 15 -31.52 8.48 -16.73
N ALA A 16 -30.42 8.74 -17.44
CA ALA A 16 -29.39 7.75 -17.76
C ALA A 16 -28.01 8.23 -17.32
N SER A 17 -27.07 7.29 -17.37
CA SER A 17 -25.68 7.56 -17.03
C SER A 17 -25.06 8.47 -18.10
N PRO A 18 -24.51 9.63 -17.70
CA PRO A 18 -23.85 10.51 -18.65
C PRO A 18 -22.48 10.00 -19.09
N GLU A 19 -22.11 10.32 -20.32
CA GLU A 19 -20.80 10.00 -20.87
C GLU A 19 -19.85 11.13 -20.48
N GLY A 20 -18.58 10.80 -20.29
CA GLY A 20 -17.58 11.76 -19.83
C GLY A 20 -17.49 13.05 -20.61
N GLU A 21 -17.48 12.95 -21.95
CA GLU A 21 -17.35 14.13 -22.84
CA GLU A 21 -17.36 14.13 -22.85
C GLU A 21 -18.48 15.15 -22.61
N ALA A 22 -19.66 14.65 -22.27
CA ALA A 22 -20.86 15.47 -22.01
C ALA A 22 -20.93 16.12 -20.63
N VAL A 23 -20.09 15.70 -19.67
CA VAL A 23 -20.19 16.22 -18.30
C VAL A 23 -19.95 17.72 -18.10
N PRO A 24 -18.94 18.31 -18.78
CA PRO A 24 -18.70 19.75 -18.57
C PRO A 24 -19.90 20.62 -18.91
N SER A 25 -20.57 20.27 -20.00
CA SER A 25 -21.80 20.95 -20.42
C SER A 25 -22.92 20.76 -19.41
N LEU A 26 -23.09 19.53 -18.94
CA LEU A 26 -24.10 19.19 -17.93
C LEU A 26 -23.91 20.04 -16.67
N LEU A 27 -22.67 20.13 -16.22
CA LEU A 27 -22.32 20.87 -15.02
C LEU A 27 -22.50 22.37 -15.18
N ASP A 28 -22.12 22.91 -16.34
CA ASP A 28 -22.34 24.36 -16.63
C ASP A 28 -23.84 24.67 -16.70
N GLY A 29 -24.62 23.69 -17.20
CA GLY A 29 -26.07 23.78 -17.29
C GLY A 29 -26.77 23.86 -15.95
N ASN A 30 -26.18 23.20 -14.94
CA ASN A 30 -26.69 23.23 -13.56
C ASN A 30 -25.98 24.23 -12.62
N GLY A 31 -25.08 25.06 -13.16
CA GLY A 31 -24.36 26.07 -12.40
C GLY A 31 -23.50 25.52 -11.29
N ILE A 32 -22.79 24.43 -11.54
CA ILE A 32 -21.94 23.78 -10.54
C ILE A 32 -20.60 24.51 -10.51
N GLU A 33 -20.30 25.18 -9.41
CA GLU A 33 -19.10 26.04 -9.29
C GLU A 33 -17.79 25.27 -9.09
N PHE A 34 -16.69 25.88 -9.52
CA PHE A 34 -15.34 25.31 -9.33
C PHE A 34 -14.78 25.64 -7.95
N GLN A 35 -13.98 24.74 -7.43
CA GLN A 35 -13.31 24.82 -6.14
C GLN A 35 -11.81 24.79 -6.41
N PRO A 36 -11.02 25.67 -5.76
CA PRO A 36 -9.59 25.61 -5.99
C PRO A 36 -8.95 24.40 -5.27
N LEU A 37 -7.94 23.80 -5.93
CA LEU A 37 -7.14 22.69 -5.40
C LEU A 37 -5.72 23.28 -5.41
N ASP A 38 -5.38 23.98 -4.33
CA ASP A 38 -4.15 24.77 -4.27
C ASP A 38 -3.44 24.80 -2.92
N VAL A 39 -3.61 23.76 -2.12
CA VAL A 39 -2.93 23.70 -0.82
C VAL A 39 -1.57 23.03 -1.03
N VAL A 40 -0.52 23.82 -0.79
CA VAL A 40 0.88 23.40 -0.88
C VAL A 40 1.27 23.05 0.55
N ASN A 41 1.09 21.78 0.90
CA ASN A 41 1.35 21.30 2.27
C ASN A 41 2.82 21.15 2.66
N TRP A 42 3.71 20.97 1.67
CA TRP A 42 5.14 20.77 1.89
C TRP A 42 5.98 21.77 1.12
N LYS A 43 6.67 22.67 1.83
CA LYS A 43 7.53 23.72 1.23
C LYS A 43 8.70 23.14 0.41
N ASP A 44 9.03 21.87 0.65
CA ASP A 44 9.98 21.10 -0.18
C ASP A 44 9.58 21.08 -1.65
N TYR A 45 8.28 20.97 -1.90
CA TYR A 45 7.71 20.95 -3.27
C TYR A 45 6.79 22.15 -3.38
N PRO A 46 7.37 23.33 -3.71
CA PRO A 46 6.62 24.58 -3.76
C PRO A 46 5.83 24.87 -5.04
N TYR A 47 6.09 24.13 -6.12
CA TYR A 47 5.40 24.37 -7.38
C TYR A 47 3.89 24.16 -7.22
N LYS A 48 3.12 25.23 -7.46
CA LYS A 48 1.66 25.24 -7.40
C LYS A 48 1.12 25.53 -8.80
N PRO A 49 0.92 24.48 -9.62
CA PRO A 49 0.25 24.70 -10.90
C PRO A 49 -1.20 25.04 -10.62
N GLU A 50 -1.80 25.86 -11.48
CA GLU A 50 -3.16 26.35 -11.29
C GLU A 50 -4.14 25.21 -11.59
N VAL A 51 -4.82 24.71 -10.55
CA VAL A 51 -5.76 23.59 -10.66
C VAL A 51 -7.06 23.88 -9.91
N SER A 52 -8.18 23.53 -10.54
CA SER A 52 -9.50 23.64 -9.92
C SER A 52 -10.31 22.38 -10.27
N PHE A 53 -11.35 22.13 -9.48
CA PHE A 53 -12.23 20.99 -9.70
C PHE A 53 -13.67 21.30 -9.29
N ARG A 54 -14.59 20.40 -9.63
CA ARG A 54 -15.97 20.52 -9.20
C ARG A 54 -16.63 19.15 -9.21
N ILE A 55 -17.65 19.03 -8.38
CA ILE A 55 -18.29 17.78 -8.13
C ILE A 55 -19.81 17.89 -7.97
N ALA A 56 -20.52 16.86 -8.43
CA ALA A 56 -21.97 16.77 -8.33
C ALA A 56 -22.37 15.30 -8.37
N HIS A 57 -23.66 15.00 -8.30
CA HIS A 57 -24.12 13.61 -8.37
C HIS A 57 -25.47 13.43 -9.00
N THR A 58 -25.68 12.24 -9.55
CA THR A 58 -26.94 11.85 -10.15
C THR A 58 -27.83 11.01 -9.22
N GLY A 59 -27.32 10.61 -8.07
CA GLY A 59 -28.02 9.72 -7.15
C GLY A 59 -27.37 8.34 -7.26
N ARG A 60 -27.12 7.89 -8.50
CA ARG A 60 -26.43 6.65 -8.80
C ARG A 60 -24.92 6.87 -9.10
N GLU A 61 -24.50 8.09 -9.44
CA GLU A 61 -23.11 8.36 -9.85
C GLU A 61 -22.54 9.67 -9.36
N ILE A 62 -21.23 9.71 -9.12
CA ILE A 62 -20.49 10.91 -8.74
C ILE A 62 -19.84 11.42 -10.03
N LEU A 63 -19.97 12.72 -10.25
CA LEU A 63 -19.45 13.41 -11.42
C LEU A 63 -18.34 14.36 -10.98
N LEU A 64 -17.12 14.14 -11.49
CA LEU A 64 -15.94 14.98 -11.21
C LEU A 64 -15.40 15.61 -12.49
N HIS A 65 -14.99 16.88 -12.38
CA HIS A 65 -14.44 17.63 -13.49
C HIS A 65 -13.28 18.46 -12.94
N TYR A 66 -12.06 18.16 -13.41
CA TYR A 66 -10.84 18.86 -13.05
C TYR A 66 -10.38 19.72 -14.21
N LYS A 67 -9.84 20.89 -13.90
CA LYS A 67 -9.19 21.79 -14.88
C LYS A 67 -7.77 22.04 -14.37
N VAL A 68 -6.78 21.92 -15.25
CA VAL A 68 -5.36 22.09 -14.92
C VAL A 68 -4.61 22.98 -15.91
N LYS A 69 -3.66 23.78 -15.41
CA LYS A 69 -2.71 24.55 -16.22
C LYS A 69 -1.33 24.37 -15.56
N GLU A 70 -0.41 23.68 -16.24
CA GLU A 70 0.96 23.39 -15.71
C GLU A 70 2.05 23.45 -16.77
N ALA A 71 3.31 23.49 -16.29
CA ALA A 71 4.50 23.66 -17.15
C ALA A 71 4.86 22.46 -18.04
N SER A 72 4.36 21.28 -17.71
CA SER A 72 4.60 20.07 -18.52
C SER A 72 3.56 18.98 -18.24
N VAL A 73 3.39 18.10 -19.22
CA VAL A 73 2.49 16.95 -19.13
C VAL A 73 3.18 15.68 -19.60
N ARG A 74 2.69 14.53 -19.14
CA ARG A 74 3.30 13.23 -19.39
C ARG A 74 2.25 12.14 -19.17
N ALA A 75 2.29 11.07 -19.96
CA ALA A 75 1.35 9.94 -19.81
C ALA A 75 1.94 8.65 -20.38
N VAL A 76 2.95 8.14 -19.68
CA VAL A 76 3.66 6.93 -20.08
C VAL A 76 2.87 5.65 -19.76
N ALA A 77 2.11 5.64 -18.67
CA ALA A 77 1.40 4.44 -18.21
C ALA A 77 0.64 3.75 -19.34
N SER A 78 1.00 2.51 -19.67
CA SER A 78 0.40 1.80 -20.81
C SER A 78 -1.00 1.24 -20.58
N GLY A 79 -1.38 1.01 -19.33
CA GLY A 79 -2.71 0.48 -19.03
C GLY A 79 -3.27 0.97 -17.72
N ASP A 80 -4.54 0.62 -17.46
CA ASP A 80 -5.20 0.94 -16.21
C ASP A 80 -4.47 0.22 -15.09
N ASN A 81 -4.55 0.79 -13.89
CA ASN A 81 -3.80 0.33 -12.73
C ASN A 81 -2.28 0.41 -12.93
N GLY A 82 -1.85 1.29 -13.81
CA GLY A 82 -0.45 1.52 -14.06
C GLY A 82 0.08 2.54 -13.05
N ARG A 83 1.28 3.02 -13.32
CA ARG A 83 2.04 3.92 -12.44
C ARG A 83 1.68 5.38 -12.79
N VAL A 84 0.39 5.67 -12.66
CA VAL A 84 -0.20 6.96 -13.09
C VAL A 84 0.25 8.19 -12.30
N TRP A 85 0.51 8.01 -11.01
CA TRP A 85 1.01 9.09 -10.13
C TRP A 85 2.33 9.71 -10.64
N GLU A 86 3.06 8.97 -11.46
CA GLU A 86 4.31 9.47 -12.08
C GLU A 86 4.07 10.41 -13.23
N ASP A 87 2.96 10.18 -13.94
CA ASP A 87 2.49 11.01 -15.05
C ASP A 87 1.76 12.21 -14.45
N ALA A 88 1.38 13.18 -15.29
CA ALA A 88 0.55 14.34 -14.84
C ALA A 88 -0.77 13.71 -14.45
N CYS A 89 -1.10 13.82 -13.17
CA CYS A 89 -2.20 13.08 -12.60
C CYS A 89 -3.05 13.84 -11.62
N VAL A 90 -4.38 13.64 -11.71
CA VAL A 90 -5.36 14.18 -10.76
C VAL A 90 -5.96 12.97 -10.04
N GLU A 91 -6.30 13.19 -8.76
CA GLU A 91 -6.73 12.11 -7.89
C GLU A 91 -7.94 12.48 -7.02
N PHE A 92 -8.74 11.48 -6.68
CA PHE A 92 -9.91 11.57 -5.81
C PHE A 92 -9.85 10.40 -4.83
N PHE A 93 -9.77 10.71 -3.54
CA PHE A 93 -9.72 9.70 -2.47
C PHE A 93 -11.02 9.87 -1.68
N VAL A 94 -11.67 8.77 -1.29
CA VAL A 94 -12.98 8.85 -0.60
C VAL A 94 -13.34 7.59 0.22
N SER A 95 -13.90 7.80 1.41
CA SER A 95 -14.41 6.75 2.31
C SER A 95 -15.92 6.99 2.32
N PRO A 96 -16.72 6.02 1.85
CA PRO A 96 -18.14 6.27 1.70
C PRO A 96 -19.11 5.90 2.82
N GLU A 97 -18.68 5.16 3.85
CA GLU A 97 -19.62 4.68 4.87
C GLU A 97 -19.22 5.02 6.31
N GLY A 98 -18.26 5.93 6.49
CA GLY A 98 -17.74 6.26 7.83
C GLY A 98 -16.99 5.14 8.55
N ASP A 99 -16.54 4.11 7.82
CA ASP A 99 -15.71 3.02 8.36
C ASP A 99 -14.29 3.35 7.90
N ASP A 100 -13.33 2.51 8.26
CA ASP A 100 -11.92 2.76 7.92
C ASP A 100 -11.51 2.48 6.49
N ARG A 101 -12.33 1.75 5.74
CA ARG A 101 -12.04 1.48 4.34
C ARG A 101 -12.24 2.75 3.50
N TYR A 102 -11.33 2.95 2.54
CA TYR A 102 -11.39 4.08 1.60
C TYR A 102 -10.93 3.63 0.23
N TYR A 103 -11.17 4.49 -0.75
CA TYR A 103 -10.83 4.26 -2.14
C TYR A 103 -10.00 5.41 -2.68
N ASN A 104 -9.14 5.13 -3.63
CA ASN A 104 -8.34 6.16 -4.33
C ASN A 104 -8.50 5.95 -5.83
N PHE A 105 -8.97 7.00 -6.51
CA PHE A 105 -9.16 7.03 -7.95
C PHE A 105 -8.10 7.98 -8.46
N GLU A 106 -7.07 7.44 -9.11
CA GLU A 106 -5.97 8.23 -9.65
C GLU A 106 -6.03 8.07 -11.16
N CYS A 107 -6.06 9.19 -11.88
CA CYS A 107 -6.20 9.18 -13.34
C CYS A 107 -5.20 10.11 -14.01
N ASN A 108 -4.37 9.61 -14.93
CA ASN A 108 -3.41 10.48 -15.64
C ASN A 108 -4.12 11.27 -16.71
N CYS A 109 -3.43 12.30 -17.22
CA CYS A 109 -3.98 13.20 -18.25
C CYS A 109 -4.42 12.53 -19.57
N ALA A 110 -3.93 11.33 -19.86
CA ALA A 110 -4.36 10.55 -21.04
C ALA A 110 -5.58 9.66 -20.80
N GLY A 111 -6.10 9.63 -19.56
CA GLY A 111 -7.27 8.82 -19.21
C GLY A 111 -7.02 7.46 -18.58
N ARG A 112 -5.76 7.04 -18.44
CA ARG A 112 -5.44 5.78 -17.75
C ARG A 112 -5.82 5.98 -16.29
N LEU A 113 -6.50 4.99 -15.72
CA LEU A 113 -6.99 5.05 -14.33
C LEU A 113 -6.49 3.92 -13.44
N LEU A 114 -6.26 4.29 -12.18
CA LEU A 114 -5.88 3.37 -11.10
C LEU A 114 -6.93 3.52 -10.00
N ILE A 115 -7.40 2.38 -9.48
CA ILE A 115 -8.31 2.35 -8.33
C ILE A 115 -7.82 1.30 -7.35
N GLN A 116 -7.74 1.65 -6.08
CA GLN A 116 -7.52 0.66 -5.03
C GLN A 116 -8.60 0.88 -3.97
N GLY A 117 -8.76 -0.13 -3.12
CA GLY A 117 -9.75 -0.11 -2.03
C GLY A 117 -9.23 -0.82 -0.80
N GLY A 118 -9.62 -0.34 0.39
CA GLY A 118 -9.21 -0.96 1.66
C GLY A 118 -8.82 0.03 2.72
N ALA A 119 -8.50 -0.51 3.91
CA ALA A 119 -8.07 0.27 5.07
C ALA A 119 -6.56 0.52 4.99
N VAL A 120 -6.09 1.53 5.70
CA VAL A 120 -4.65 1.85 5.76
C VAL A 120 -3.77 0.70 6.29
N ASN A 121 -4.35 -0.13 7.16
CA ASN A 121 -3.63 -1.24 7.83
C ASN A 121 -3.56 -2.60 7.11
N GLU A 122 -3.96 -2.63 5.84
CA GLU A 122 -3.90 -3.83 5.01
C GLU A 122 -3.44 -3.49 3.60
N ARG A 123 -3.03 -4.52 2.85
CA ARG A 123 -2.73 -4.37 1.41
C ARG A 123 -4.06 -3.96 0.81
N ARG A 124 -4.09 -2.82 0.13
CA ARG A 124 -5.30 -2.31 -0.47
C ARG A 124 -5.32 -2.77 -1.92
N PRO A 125 -6.10 -3.84 -2.23
CA PRO A 125 -6.04 -4.34 -3.61
C PRO A 125 -6.51 -3.37 -4.69
N THR A 126 -5.99 -3.62 -5.87
CA THR A 126 -6.29 -2.87 -7.05
C THR A 126 -7.64 -3.39 -7.59
N ALA A 127 -8.39 -2.54 -8.28
CA ALA A 127 -9.70 -2.93 -8.82
C ALA A 127 -9.63 -3.86 -10.04
N SER A 128 -10.70 -4.61 -10.27
CA SER A 128 -10.79 -5.49 -11.44
C SER A 128 -11.14 -4.70 -12.71
N GLN A 129 -10.94 -5.35 -13.87
CA GLN A 129 -11.26 -4.79 -15.19
C GLN A 129 -12.73 -4.37 -15.26
N GLU A 130 -13.62 -5.22 -14.74
CA GLU A 130 -15.07 -4.97 -14.66
C GLU A 130 -15.34 -3.63 -13.95
N VAL A 131 -14.68 -3.42 -12.80
CA VAL A 131 -14.81 -2.21 -11.98
C VAL A 131 -14.16 -0.99 -12.66
N LEU A 132 -12.98 -1.19 -13.26
CA LEU A 132 -12.33 -0.11 -14.04
C LEU A 132 -13.22 0.32 -15.19
N GLY A 133 -13.87 -0.68 -15.83
CA GLY A 133 -14.84 -0.50 -16.90
C GLY A 133 -16.08 0.29 -16.50
N MSE A 134 -16.47 0.25 -15.22
CA MSE A 134 -17.60 1.02 -14.70
C MSE A 134 -17.33 2.52 -14.70
O MSE A 134 -18.25 3.30 -14.92
CB MSE A 134 -17.97 0.63 -13.26
CG MSE A 134 -18.67 -0.70 -13.13
SE MSE A 134 -18.65 -1.20 -11.22
CE MSE A 134 -19.16 -3.08 -11.55
N VAL A 135 -16.09 2.92 -14.45
CA VAL A 135 -15.74 4.36 -14.34
C VAL A 135 -15.50 4.94 -15.71
N LYS A 136 -16.45 5.77 -16.15
CA LYS A 136 -16.35 6.42 -17.45
C LYS A 136 -15.44 7.61 -17.25
N ARG A 137 -14.64 7.89 -18.26
CA ARG A 137 -13.65 8.95 -18.25
C ARG A 137 -13.60 9.70 -19.56
N TRP A 138 -13.02 10.91 -19.49
CA TRP A 138 -12.74 11.73 -20.67
C TRP A 138 -11.65 12.73 -20.31
N SER A 139 -10.75 12.99 -21.25
CA SER A 139 -9.72 14.01 -21.11
C SER A 139 -9.50 14.76 -22.41
N SER A 140 -9.04 16.00 -22.30
CA SER A 140 -8.67 16.83 -23.45
C SER A 140 -7.35 16.37 -24.08
N LEU A 141 -6.58 15.53 -23.36
CA LEU A 141 -5.34 14.91 -23.86
C LEU A 141 -5.48 13.38 -23.93
N ALA A 142 -6.70 12.89 -24.08
CA ALA A 142 -6.98 11.45 -24.12
C ALA A 142 -6.41 10.84 -25.37
N GLY A 143 -6.12 9.54 -25.27
CA GLY A 143 -5.59 8.74 -26.35
C GLY A 143 -4.33 7.98 -26.00
N GLU A 144 -3.45 7.84 -26.99
CA GLU A 144 -2.21 7.07 -26.88
C GLU A 144 -1.34 7.52 -25.70
N PRO A 145 -0.57 6.60 -25.09
CA PRO A 145 0.39 7.06 -24.09
C PRO A 145 1.49 7.92 -24.75
N PHE A 146 2.06 8.87 -24.01
CA PHE A 146 3.11 9.77 -24.55
C PHE A 146 4.15 10.21 -23.54
N GLU A 147 5.40 10.35 -24.02
CA GLU A 147 6.53 10.84 -23.20
C GLU A 147 6.32 12.32 -22.87
N GLU A 148 6.97 12.78 -21.81
CA GLU A 148 6.80 14.15 -21.35
C GLU A 148 6.91 15.22 -22.44
N ARG A 149 5.94 16.13 -22.51
CA ARG A 149 5.93 17.28 -23.42
C ARG A 149 6.08 18.55 -22.57
N LEU A 150 7.21 19.22 -22.73
CA LEU A 150 7.53 20.46 -22.03
C LEU A 150 6.79 21.61 -22.69
N GLY A 151 6.37 22.59 -21.87
CA GLY A 151 5.64 23.76 -22.33
C GLY A 151 4.32 23.86 -21.60
N GLU A 152 3.89 25.10 -21.36
CA GLU A 152 2.65 25.35 -20.63
C GLU A 152 1.50 24.71 -21.40
N CYS A 153 0.67 23.96 -20.68
CA CYS A 153 -0.44 23.21 -21.26
C CYS A 153 -1.68 23.22 -20.36
N SER A 154 -2.82 23.61 -20.94
CA SER A 154 -4.11 23.60 -20.24
C SER A 154 -4.87 22.32 -20.61
N TRP A 155 -5.25 21.53 -19.61
CA TRP A 155 -6.04 20.32 -19.86
C TRP A 155 -7.14 20.15 -18.85
N GLU A 156 -8.12 19.31 -19.20
CA GLU A 156 -9.28 19.01 -18.38
C GLU A 156 -9.53 17.51 -18.39
N LEU A 157 -10.14 17.03 -17.32
CA LEU A 157 -10.41 15.61 -17.13
C LEU A 157 -11.68 15.39 -16.34
N VAL A 158 -12.41 14.32 -16.69
CA VAL A 158 -13.68 13.96 -16.08
C VAL A 158 -13.71 12.51 -15.71
N MSE A 159 -14.33 12.23 -14.57
CA MSE A 159 -14.56 10.88 -14.07
C MSE A 159 -16.02 10.80 -13.69
O MSE A 159 -16.52 11.69 -12.98
CB MSE A 159 -13.72 10.57 -12.83
CG MSE A 159 -12.25 10.36 -13.16
SE MSE A 159 -11.32 9.65 -11.58
CE MSE A 159 -10.40 11.23 -10.86
N VAL A 160 -16.70 9.76 -14.15
CA VAL A 160 -18.09 9.45 -13.79
C VAL A 160 -17.97 8.14 -12.99
N ILE A 161 -18.09 8.24 -11.67
CA ILE A 161 -17.89 7.10 -10.76
C ILE A 161 -19.24 6.54 -10.30
N PRO A 162 -19.67 5.38 -10.86
CA PRO A 162 -20.93 4.81 -10.38
C PRO A 162 -20.79 4.30 -8.95
N VAL A 163 -21.91 4.31 -8.23
CA VAL A 163 -21.97 3.84 -6.85
C VAL A 163 -21.46 2.36 -6.72
N SER A 164 -21.70 1.55 -7.75
CA SER A 164 -21.20 0.17 -7.83
C SER A 164 -19.68 0.05 -7.89
N ALA A 165 -18.97 1.11 -8.32
CA ALA A 165 -17.49 1.11 -8.35
C ALA A 165 -16.87 1.09 -6.95
N PHE A 166 -17.64 1.35 -5.89
CA PHE A 166 -17.14 1.16 -4.52
C PHE A 166 -17.20 -0.37 -4.28
N PHE A 167 -16.25 -1.05 -4.90
CA PHE A 167 -16.24 -2.51 -5.03
C PHE A 167 -16.16 -3.37 -3.78
N GLN A 168 -15.78 -2.75 -2.66
CA GLN A 168 -15.76 -3.40 -1.34
C GLN A 168 -16.99 -3.04 -0.48
N HIS A 169 -18.01 -2.40 -1.06
CA HIS A 169 -19.25 -2.00 -0.35
C HIS A 169 -20.52 -2.24 -1.18
N SER A 170 -21.66 -2.16 -0.51
CA SER A 170 -22.98 -2.27 -1.14
C SER A 170 -23.66 -0.93 -0.99
N VAL A 171 -23.08 0.09 -1.64
CA VAL A 171 -23.61 1.45 -1.57
C VAL A 171 -24.75 1.51 -2.59
N GLY A 172 -25.93 1.90 -2.11
CA GLY A 172 -27.15 1.94 -2.93
C GLY A 172 -27.36 3.23 -3.69
N SER A 173 -27.52 4.32 -2.94
CA SER A 173 -27.82 5.64 -3.50
C SER A 173 -27.11 6.77 -2.74
N LEU A 174 -26.61 7.74 -3.49
CA LEU A 174 -25.85 8.87 -2.94
C LEU A 174 -26.70 9.96 -2.26
N ASP A 175 -28.01 9.96 -2.54
CA ASP A 175 -28.96 10.96 -2.02
C ASP A 175 -28.85 11.16 -0.50
N GLY A 176 -28.43 12.36 -0.10
CA GLY A 176 -28.33 12.72 1.31
C GLY A 176 -27.22 12.10 2.15
N LYS A 177 -26.29 11.36 1.54
CA LYS A 177 -25.18 10.76 2.30
C LYS A 177 -24.11 11.79 2.59
N THR A 178 -23.32 11.51 3.63
CA THR A 178 -22.18 12.34 4.00
C THR A 178 -20.94 11.44 3.93
N MSE A 179 -20.03 11.73 3.00
CA MSE A 179 -18.78 10.97 2.82
C MSE A 179 -17.62 11.86 3.16
O MSE A 179 -17.76 13.07 3.29
CB MSE A 179 -18.60 10.51 1.38
CG MSE A 179 -19.75 9.61 0.95
SE MSE A 179 -19.29 8.70 -0.76
CE MSE A 179 -21.03 7.83 -1.03
N LYS A 180 -16.46 11.23 3.33
CA LYS A 180 -15.21 11.92 3.62
C LYS A 180 -14.21 11.64 2.49
N GLY A 181 -13.51 12.68 2.04
CA GLY A 181 -12.54 12.52 0.96
C GLY A 181 -11.62 13.70 0.75
N ASN A 182 -10.80 13.59 -0.29
CA ASN A 182 -9.87 14.67 -0.65
C ASN A 182 -9.55 14.57 -2.15
N PHE A 183 -9.00 15.66 -2.68
CA PHE A 183 -8.66 15.75 -4.11
C PHE A 183 -7.21 16.18 -4.24
N TYR A 184 -6.48 15.56 -5.17
CA TYR A 184 -5.05 15.85 -5.33
C TYR A 184 -4.59 16.00 -6.78
N LYS A 185 -3.45 16.68 -6.92
CA LYS A 185 -2.71 16.86 -8.17
C LYS A 185 -1.24 16.51 -7.89
N CYS A 186 -0.60 15.82 -8.85
CA CYS A 186 0.80 15.44 -8.73
C CYS A 186 1.38 15.01 -10.07
N GLY A 187 2.66 14.63 -10.05
CA GLY A 187 3.37 14.09 -11.21
C GLY A 187 4.80 13.79 -10.82
N ASP A 188 5.01 12.64 -10.18
CA ASP A 188 6.32 12.26 -9.62
C ASP A 188 7.48 12.32 -10.62
N LYS A 189 7.26 11.91 -11.87
CA LYS A 189 8.31 11.90 -12.91
C LYS A 189 8.28 13.09 -13.91
N LEU A 190 7.51 14.13 -13.57
CA LEU A 190 7.48 15.37 -14.38
C LEU A 190 8.74 16.15 -14.11
N GLN A 191 9.03 17.13 -14.96
CA GLN A 191 10.19 18.03 -14.84
C GLN A 191 10.26 18.69 -13.46
N THR A 192 9.10 19.17 -12.98
CA THR A 192 8.95 19.80 -11.67
C THR A 192 7.87 19.02 -10.90
N PRO A 193 8.27 17.99 -10.14
CA PRO A 193 7.26 17.25 -9.37
C PRO A 193 6.65 18.17 -8.33
N HIS A 194 5.41 17.88 -7.98
CA HIS A 194 4.65 18.70 -7.04
C HIS A 194 3.56 17.92 -6.38
N PHE A 195 3.04 18.46 -5.29
CA PHE A 195 2.02 17.80 -4.48
C PHE A 195 1.02 18.80 -3.92
N LEU A 196 -0.20 18.77 -4.45
CA LEU A 196 -1.29 19.69 -4.11
C LEU A 196 -2.52 18.94 -3.60
N SER A 197 -3.21 19.54 -2.64
CA SER A 197 -4.44 18.97 -2.07
C SER A 197 -5.53 20.02 -1.92
N TRP A 198 -6.76 19.55 -1.74
CA TRP A 198 -7.92 20.40 -1.53
C TRP A 198 -8.00 20.77 -0.06
N SER A 199 -8.17 19.76 0.80
CA SER A 199 -8.22 19.97 2.24
C SER A 199 -6.78 19.76 2.72
N PRO A 200 -6.34 20.53 3.76
CA PRO A 200 -4.92 20.42 4.16
C PRO A 200 -4.52 19.13 4.88
N ILE A 201 -3.22 18.82 4.79
CA ILE A 201 -2.59 17.62 5.38
C ILE A 201 -1.41 18.10 6.22
N GLY A 202 -1.30 17.58 7.45
CA GLY A 202 -0.27 17.97 8.40
C GLY A 202 0.78 16.91 8.71
N LEU A 203 1.08 16.04 7.74
CA LEU A 203 2.10 15.00 7.89
C LEU A 203 3.39 15.66 7.52
N GLU A 204 4.50 15.19 8.09
CA GLU A 204 5.84 15.77 7.87
CA GLU A 204 5.77 15.88 7.85
C GLU A 204 6.35 15.80 6.40
N ARG A 205 5.81 14.95 5.53
CA ARG A 205 6.24 14.88 4.09
C ARG A 205 5.08 14.39 3.16
N PRO A 206 5.24 14.45 1.81
CA PRO A 206 4.12 14.13 0.90
C PRO A 206 3.56 12.72 1.01
N MSE A 207 2.38 12.65 1.62
CA MSE A 207 1.65 11.42 1.85
C MSE A 207 0.19 11.71 1.63
O MSE A 207 -0.36 12.60 2.27
CB MSE A 207 1.97 11.05 3.29
CG MSE A 207 3.43 10.60 3.45
SE MSE A 207 3.63 9.57 5.07
CE MSE A 207 4.57 10.89 6.18
N PHE A 208 -0.44 10.99 0.71
CA PHE A 208 -1.86 11.21 0.38
C PHE A 208 -2.83 10.18 0.96
N HIS A 209 -2.35 8.99 1.36
CA HIS A 209 -3.22 7.93 1.92
C HIS A 209 -3.51 8.15 3.42
N CYS A 210 -4.15 9.28 3.74
CA CYS A 210 -4.37 9.74 5.12
C CYS A 210 -5.82 10.16 5.39
N PRO A 211 -6.71 9.18 5.67
CA PRO A 211 -8.11 9.44 6.01
C PRO A 211 -8.39 10.45 7.12
N ALA A 212 -7.48 10.58 8.08
CA ALA A 212 -7.61 11.59 9.16
C ALA A 212 -7.71 13.02 8.60
N PHE A 213 -7.02 13.30 7.48
CA PHE A 213 -6.99 14.63 6.86
C PHE A 213 -8.01 14.88 5.75
N PHE A 214 -8.88 13.89 5.47
CA PHE A 214 -9.94 14.07 4.49
C PHE A 214 -10.93 15.13 4.94
N GLY A 215 -11.53 15.81 3.96
CA GLY A 215 -12.57 16.81 4.17
C GLY A 215 -13.89 16.10 4.14
N THR A 216 -14.97 16.87 4.27
CA THR A 216 -16.33 16.36 4.31
C THR A 216 -17.07 16.67 3.01
N LEU A 217 -17.83 15.68 2.54
CA LEU A 217 -18.60 15.78 1.30
C LEU A 217 -20.06 15.51 1.60
N SER A 218 -20.87 16.58 1.58
CA SER A 218 -22.31 16.50 1.87
C SER A 218 -23.10 16.44 0.55
N PHE A 219 -23.56 15.23 0.22
CA PHE A 219 -24.37 15.00 -0.95
C PHE A 219 -25.82 15.45 -0.68
N GLU A 220 -26.33 16.32 -1.55
CA GLU A 220 -27.70 16.86 -1.49
C GLU A 220 -28.69 15.71 -1.69
N SER B 3 0.93 -1.35 24.10
CA SER B 3 1.91 -2.18 24.86
C SER B 3 1.89 -3.63 24.31
N GLY B 4 2.86 -3.96 23.44
CA GLY B 4 3.01 -5.29 22.82
C GLY B 4 4.09 -6.11 23.50
N LYS B 5 4.48 -7.25 22.90
CA LYS B 5 5.56 -8.10 23.43
C LYS B 5 6.95 -7.45 23.27
N SER B 6 7.94 -8.04 23.94
CA SER B 6 9.32 -7.55 23.92
C SER B 6 10.32 -8.70 23.69
N LEU B 7 11.40 -8.41 22.96
CA LEU B 7 12.46 -9.36 22.62
C LEU B 7 13.85 -8.79 22.71
N SER B 8 14.77 -9.61 23.20
CA SER B 8 16.19 -9.29 23.26
C SER B 8 16.81 -10.00 22.06
N VAL B 9 17.44 -9.23 21.17
CA VAL B 9 18.11 -9.75 19.99
C VAL B 9 19.58 -9.80 20.38
N LYS B 10 20.04 -10.99 20.76
CA LYS B 10 21.44 -11.20 21.19
C LYS B 10 22.41 -11.00 20.02
N LYS B 11 23.60 -10.48 20.30
CA LYS B 11 24.63 -10.29 19.29
C LYS B 11 25.47 -11.57 19.14
N VAL B 12 25.77 -11.90 17.89
CA VAL B 12 26.60 -13.03 17.51
C VAL B 12 27.71 -12.48 16.63
N MSE B 13 28.88 -13.07 16.70
CA MSE B 13 29.97 -12.70 15.83
C MSE B 13 30.08 -13.89 14.92
O MSE B 13 29.71 -15.02 15.30
CB MSE B 13 31.24 -12.46 16.62
CG MSE B 13 31.12 -11.75 17.97
SE MSE B 13 31.00 -9.83 17.76
CE MSE B 13 31.66 -9.15 19.50
N CYS B 14 30.53 -13.65 13.70
CA CYS B 14 30.78 -14.73 12.74
C CYS B 14 32.11 -14.48 11.99
N THR B 15 32.74 -15.57 11.53
CA THR B 15 34.02 -15.50 10.77
C THR B 15 33.85 -14.75 9.43
N ALA B 16 32.65 -14.86 8.84
CA ALA B 16 32.31 -14.14 7.63
C ALA B 16 30.84 -13.69 7.65
N SER B 17 30.45 -12.92 6.66
CA SER B 17 29.05 -12.50 6.50
C SER B 17 28.30 -13.82 6.18
N PRO B 18 27.41 -14.31 7.09
CA PRO B 18 26.94 -15.69 6.92
C PRO B 18 25.97 -16.00 5.79
N GLU B 19 26.11 -17.21 5.25
CA GLU B 19 25.20 -17.72 4.22
C GLU B 19 24.02 -18.36 4.96
N GLY B 20 22.86 -18.30 4.34
CA GLY B 20 21.63 -18.80 4.94
C GLY B 20 21.66 -20.21 5.48
N GLU B 21 22.23 -21.14 4.69
CA GLU B 21 22.32 -22.56 5.08
C GLU B 21 23.06 -22.78 6.41
N ALA B 22 24.07 -21.94 6.67
CA ALA B 22 24.87 -21.99 7.88
C ALA B 22 24.24 -21.37 9.13
N VAL B 23 23.17 -20.59 9.00
CA VAL B 23 22.59 -19.87 10.14
C VAL B 23 22.03 -20.71 11.30
N PRO B 24 21.31 -21.81 11.00
CA PRO B 24 20.79 -22.65 12.11
C PRO B 24 21.84 -23.18 13.08
N SER B 25 22.95 -23.63 12.51
CA SER B 25 24.08 -24.09 13.29
C SER B 25 24.71 -22.94 14.09
N LEU B 26 24.88 -21.78 13.43
CA LEU B 26 25.45 -20.58 14.10
C LEU B 26 24.64 -20.20 15.32
N LEU B 27 23.32 -20.20 15.16
CA LEU B 27 22.41 -19.84 16.23
C LEU B 27 22.37 -20.87 17.36
N ASP B 28 22.40 -22.17 17.01
CA ASP B 28 22.47 -23.24 18.03
C ASP B 28 23.79 -23.16 18.80
N GLY B 29 24.87 -22.78 18.10
CA GLY B 29 26.20 -22.58 18.70
C GLY B 29 26.25 -21.50 19.76
N ASN B 30 25.46 -20.42 19.53
CA ASN B 30 25.36 -19.29 20.48
C ASN B 30 24.16 -19.39 21.45
N GLY B 31 23.41 -20.49 21.43
CA GLY B 31 22.27 -20.74 22.32
C GLY B 31 21.13 -19.75 22.16
N ILE B 32 20.80 -19.40 20.93
CA ILE B 32 19.74 -18.43 20.64
C ILE B 32 18.42 -19.20 20.70
N GLU B 33 17.58 -18.90 21.70
CA GLU B 33 16.34 -19.66 21.95
C GLU B 33 15.19 -19.31 20.98
N PHE B 34 14.31 -20.30 20.75
CA PHE B 34 13.13 -20.11 19.89
C PHE B 34 12.00 -19.44 20.65
N GLN B 35 11.21 -18.65 19.92
CA GLN B 35 10.05 -17.91 20.42
C GLN B 35 8.82 -18.47 19.67
N PRO B 36 7.71 -18.73 20.38
CA PRO B 36 6.55 -19.22 19.66
C PRO B 36 5.85 -18.09 18.87
N LEU B 37 5.35 -18.43 17.69
CA LEU B 37 4.59 -17.52 16.83
C LEU B 37 3.26 -18.26 16.75
N ASP B 38 2.38 -17.99 17.72
CA ASP B 38 1.13 -18.74 17.87
C ASP B 38 -0.09 -17.93 18.33
N VAL B 39 -0.13 -16.63 18.02
CA VAL B 39 -1.26 -15.78 18.40
C VAL B 39 -2.29 -15.82 17.26
N VAL B 40 -3.45 -16.42 17.57
CA VAL B 40 -4.58 -16.57 16.68
C VAL B 40 -5.48 -15.38 17.02
N ASN B 41 -5.30 -14.28 16.29
CA ASN B 41 -6.04 -13.03 16.55
C ASN B 41 -7.51 -13.03 16.10
N TRP B 42 -7.85 -13.84 15.09
CA TRP B 42 -9.21 -13.89 14.49
C TRP B 42 -9.78 -15.30 14.51
N LYS B 43 -10.86 -15.50 15.28
CA LYS B 43 -11.52 -16.83 15.40
C LYS B 43 -12.11 -17.35 14.08
N ASP B 44 -12.34 -16.44 13.11
CA ASP B 44 -12.72 -16.82 11.73
C ASP B 44 -11.66 -17.73 11.06
N TYR B 45 -10.37 -17.53 11.37
CA TYR B 45 -9.25 -18.37 10.89
C TYR B 45 -8.55 -19.00 12.12
N PRO B 46 -9.14 -20.11 12.66
CA PRO B 46 -8.63 -20.75 13.87
C PRO B 46 -7.43 -21.68 13.72
N TYR B 47 -7.09 -22.08 12.50
CA TYR B 47 -5.99 -23.02 12.27
C TYR B 47 -4.68 -22.40 12.76
N LYS B 48 -4.06 -23.07 13.74
CA LYS B 48 -2.79 -22.69 14.34
C LYS B 48 -1.76 -23.79 14.01
N PRO B 49 -1.07 -23.68 12.86
CA PRO B 49 0.02 -24.63 12.60
C PRO B 49 1.15 -24.30 13.56
N GLU B 50 1.91 -25.30 13.95
CA GLU B 50 2.97 -25.14 14.94
C GLU B 50 4.16 -24.40 14.30
N VAL B 51 4.39 -23.16 14.74
CA VAL B 51 5.44 -22.30 14.19
C VAL B 51 6.23 -21.60 15.29
N SER B 52 7.56 -21.57 15.13
CA SER B 52 8.45 -20.87 16.04
C SER B 52 9.52 -20.15 15.21
N PHE B 53 10.13 -19.15 15.84
CA PHE B 53 11.18 -18.37 15.19
C PHE B 53 12.24 -17.92 16.22
N ARG B 54 13.33 -17.37 15.71
CA ARG B 54 14.36 -16.77 16.58
C ARG B 54 15.14 -15.75 15.80
N ILE B 55 15.74 -14.83 16.54
CA ILE B 55 16.43 -13.70 15.96
C ILE B 55 17.71 -13.29 16.72
N ALA B 56 18.70 -12.82 15.96
CA ALA B 56 20.00 -12.35 16.49
C ALA B 56 20.60 -11.37 15.50
N HIS B 57 21.78 -10.81 15.80
CA HIS B 57 22.44 -9.89 14.86
C HIS B 57 23.96 -9.92 14.90
N THR B 58 24.56 -9.54 13.77
CA THR B 58 26.02 -9.48 13.62
C THR B 58 26.57 -8.06 13.79
N GLY B 59 25.69 -7.06 13.90
CA GLY B 59 26.09 -5.66 13.97
C GLY B 59 25.75 -5.04 12.62
N ARG B 60 26.11 -5.75 11.54
CA ARG B 60 25.81 -5.35 10.17
C ARG B 60 24.56 -6.05 9.61
N GLU B 61 24.13 -7.18 10.21
CA GLU B 61 23.01 -7.99 9.67
C GLU B 61 22.08 -8.58 10.73
N ILE B 62 20.80 -8.72 10.39
CA ILE B 62 19.79 -9.36 11.24
C ILE B 62 19.66 -10.78 10.72
N LEU B 63 19.67 -11.74 11.65
CA LEU B 63 19.56 -13.17 11.36
C LEU B 63 18.23 -13.71 11.88
N LEU B 64 17.39 -14.24 10.98
CA LEU B 64 16.09 -14.84 11.32
C LEU B 64 16.04 -16.28 10.92
N HIS B 65 15.44 -17.10 11.78
CA HIS B 65 15.27 -18.53 11.54
C HIS B 65 13.86 -18.92 11.99
N TYR B 66 13.04 -19.39 11.03
CA TYR B 66 11.69 -19.85 11.27
C TYR B 66 11.60 -21.37 11.09
N LYS B 67 10.83 -22.02 11.95
CA LYS B 67 10.55 -23.46 11.88
C LYS B 67 9.04 -23.58 11.80
N VAL B 68 8.55 -24.39 10.86
CA VAL B 68 7.13 -24.58 10.63
C VAL B 68 6.77 -26.07 10.50
N LYS B 69 5.58 -26.44 11.02
CA LYS B 69 4.97 -27.76 10.81
C LYS B 69 3.48 -27.49 10.48
N GLU B 70 3.05 -27.76 9.24
CA GLU B 70 1.65 -27.52 8.78
C GLU B 70 1.11 -28.62 7.84
N ALA B 71 -0.22 -28.61 7.65
CA ALA B 71 -0.93 -29.63 6.85
C ALA B 71 -0.70 -29.59 5.34
N SER B 72 -0.22 -28.47 4.80
CA SER B 72 0.11 -28.35 3.36
C SER B 72 1.06 -27.18 3.09
N VAL B 73 1.76 -27.29 1.96
CA VAL B 73 2.73 -26.26 1.47
C VAL B 73 2.50 -25.98 -0.01
N ARG B 74 2.89 -24.79 -0.43
CA ARG B 74 2.66 -24.29 -1.79
C ARG B 74 3.65 -23.18 -2.09
N ALA B 75 4.12 -23.10 -3.34
CA ALA B 75 5.08 -22.05 -3.75
C ALA B 75 4.98 -21.79 -5.25
N VAL B 76 3.87 -21.19 -5.65
CA VAL B 76 3.59 -20.86 -7.05
C VAL B 76 4.35 -19.61 -7.53
N ALA B 77 4.54 -18.61 -6.66
CA ALA B 77 5.17 -17.33 -7.04
C ALA B 77 6.44 -17.55 -7.87
N SER B 78 6.43 -17.09 -9.13
CA SER B 78 7.57 -17.33 -10.05
C SER B 78 8.83 -16.47 -9.82
N GLY B 79 8.68 -15.33 -9.17
CA GLY B 79 9.83 -14.47 -8.85
C GLY B 79 9.70 -13.71 -7.55
N ASP B 80 10.78 -13.00 -7.22
CA ASP B 80 10.78 -12.13 -6.04
C ASP B 80 9.76 -11.01 -6.26
N ASN B 81 9.25 -10.47 -5.15
CA ASN B 81 8.15 -9.48 -5.15
C ASN B 81 6.87 -10.02 -5.74
N GLY B 82 6.72 -11.34 -5.72
CA GLY B 82 5.53 -11.99 -6.24
C GLY B 82 4.48 -12.00 -5.16
N ARG B 83 3.44 -12.79 -5.43
CA ARG B 83 2.26 -12.90 -4.57
C ARG B 83 2.51 -14.00 -3.53
N VAL B 84 3.56 -13.80 -2.73
CA VAL B 84 4.07 -14.80 -1.77
C VAL B 84 3.16 -15.11 -0.59
N TRP B 85 2.43 -14.11 -0.10
CA TRP B 85 1.43 -14.27 0.98
C TRP B 85 0.35 -15.35 0.65
N GLU B 86 0.15 -15.65 -0.64
CA GLU B 86 -0.76 -16.74 -1.09
C GLU B 86 -0.20 -18.16 -0.92
N ASP B 87 1.13 -18.27 -1.04
CA ASP B 87 1.86 -19.51 -0.83
C ASP B 87 2.07 -19.66 0.68
N ALA B 88 2.62 -20.81 1.11
CA ALA B 88 3.00 -21.02 2.53
C ALA B 88 4.12 -20.00 2.77
N CYS B 89 3.86 -19.05 3.66
CA CYS B 89 4.71 -17.87 3.83
C CYS B 89 4.91 -17.42 5.25
N VAL B 90 6.16 -17.03 5.55
CA VAL B 90 6.56 -16.45 6.84
C VAL B 90 6.96 -15.02 6.57
N GLU B 91 6.70 -14.14 7.54
CA GLU B 91 6.91 -12.69 7.38
C GLU B 91 7.57 -12.02 8.58
N PHE B 92 8.30 -10.93 8.30
CA PHE B 92 8.98 -10.07 9.29
C PHE B 92 8.72 -8.61 8.92
N PHE B 93 8.07 -7.87 9.82
CA PHE B 93 7.74 -6.44 9.61
C PHE B 93 8.54 -5.68 10.65
N VAL B 94 9.15 -4.56 10.27
CA VAL B 94 10.01 -3.78 11.20
C VAL B 94 10.24 -2.30 10.83
N SER B 95 10.21 -1.43 11.85
CA SER B 95 10.46 0.04 11.73
C SER B 95 11.76 0.27 12.49
N PRO B 96 12.83 0.75 11.80
CA PRO B 96 14.13 0.76 12.43
C PRO B 96 14.63 2.01 13.12
N GLU B 97 13.96 3.15 12.97
CA GLU B 97 14.49 4.40 13.53
C GLU B 97 13.52 5.23 14.33
N GLY B 98 12.45 4.58 14.82
CA GLY B 98 11.44 5.28 15.61
C GLY B 98 10.61 6.34 14.86
N ASP B 99 10.64 6.30 13.52
CA ASP B 99 9.80 7.17 12.68
C ASP B 99 8.66 6.27 12.19
N ASP B 100 7.75 6.84 11.39
CA ASP B 100 6.59 6.08 10.91
C ASP B 100 6.87 5.10 9.77
N ARG B 101 8.02 5.22 9.12
CA ARG B 101 8.38 4.29 8.03
C ARG B 101 8.67 2.92 8.61
N TYR B 102 8.21 1.88 7.91
CA TYR B 102 8.48 0.48 8.26
C TYR B 102 8.72 -0.34 7.00
N TYR B 103 9.19 -1.55 7.21
CA TYR B 103 9.48 -2.52 6.15
C TYR B 103 8.78 -3.84 6.40
N ASN B 104 8.46 -4.57 5.35
CA ASN B 104 7.89 -5.91 5.45
C ASN B 104 8.65 -6.87 4.55
N PHE B 105 9.17 -7.94 5.15
CA PHE B 105 9.93 -8.97 4.47
C PHE B 105 9.05 -10.21 4.51
N GLU B 106 8.47 -10.58 3.37
CA GLU B 106 7.59 -11.73 3.26
C GLU B 106 8.28 -12.74 2.34
N CYS B 107 8.42 -13.97 2.81
CA CYS B 107 9.15 -15.00 2.07
C CYS B 107 8.38 -16.32 2.02
N ASN B 108 8.13 -16.87 0.82
CA ASN B 108 7.45 -18.18 0.74
C ASN B 108 8.42 -19.32 1.04
N CYS B 109 7.87 -20.51 1.28
CA CYS B 109 8.67 -21.70 1.61
C CYS B 109 9.72 -22.14 0.55
N ALA B 110 9.58 -21.72 -0.70
CA ALA B 110 10.58 -22.00 -1.77
C ALA B 110 11.71 -20.94 -1.85
N GLY B 111 11.67 -19.92 -0.99
CA GLY B 111 12.69 -18.88 -0.97
C GLY B 111 12.39 -17.60 -1.75
N ARG B 112 11.26 -17.52 -2.45
CA ARG B 112 10.88 -16.28 -3.15
C ARG B 112 10.54 -15.25 -2.09
N LEU B 113 11.08 -14.03 -2.25
CA LEU B 113 10.94 -12.95 -1.27
C LEU B 113 10.30 -11.69 -1.82
N LEU B 114 9.52 -11.03 -0.96
CA LEU B 114 8.90 -9.74 -1.21
C LEU B 114 9.35 -8.78 -0.11
N ILE B 115 9.74 -7.57 -0.50
CA ILE B 115 10.10 -6.49 0.43
C ILE B 115 9.43 -5.20 -0.02
N GLN B 116 8.77 -4.49 0.91
CA GLN B 116 8.31 -3.14 0.64
C GLN B 116 8.81 -2.25 1.79
N GLY B 117 8.78 -0.94 1.56
CA GLY B 117 9.19 0.08 2.52
C GLY B 117 8.33 1.32 2.47
N GLY B 118 8.14 1.98 3.61
CA GLY B 118 7.37 3.22 3.70
C GLY B 118 6.43 3.30 4.89
N ALA B 119 5.77 4.44 5.01
CA ALA B 119 4.76 4.68 6.05
C ALA B 119 3.39 4.14 5.60
N VAL B 120 2.48 3.94 6.55
CA VAL B 120 1.11 3.49 6.23
C VAL B 120 0.33 4.48 5.35
N ASN B 121 0.67 5.77 5.46
CA ASN B 121 0.03 6.88 4.75
C ASN B 121 0.54 7.23 3.34
N GLU B 122 1.36 6.34 2.74
CA GLU B 122 1.84 6.49 1.36
C GLU B 122 1.93 5.12 0.67
N ARG B 123 2.04 5.16 -0.67
CA ARG B 123 2.30 3.94 -1.46
C ARG B 123 3.66 3.47 -0.96
N ARG B 124 3.74 2.22 -0.49
CA ARG B 124 4.97 1.66 0.04
C ARG B 124 5.63 0.89 -1.09
N PRO B 125 6.63 1.49 -1.77
CA PRO B 125 7.20 0.78 -2.92
C PRO B 125 7.90 -0.54 -2.59
N THR B 126 7.97 -1.38 -3.63
CA THR B 126 8.58 -2.67 -3.58
C THR B 126 10.10 -2.45 -3.76
N ALA B 127 10.92 -3.36 -3.26
CA ALA B 127 12.39 -3.22 -3.35
C ALA B 127 12.96 -3.59 -4.72
N SER B 128 14.14 -3.07 -5.03
CA SER B 128 14.83 -3.39 -6.29
C SER B 128 15.53 -4.75 -6.23
N GLN B 129 15.93 -5.25 -7.41
CA GLN B 129 16.70 -6.51 -7.54
C GLN B 129 17.97 -6.49 -6.71
N GLU B 130 18.70 -5.36 -6.77
CA GLU B 130 19.94 -5.17 -5.99
C GLU B 130 19.66 -5.40 -4.50
N VAL B 131 18.56 -4.81 -4.01
CA VAL B 131 18.16 -4.91 -2.59
C VAL B 131 17.65 -6.31 -2.26
N LEU B 132 16.88 -6.92 -3.16
CA LEU B 132 16.42 -8.31 -2.99
C LEU B 132 17.64 -9.25 -2.93
N GLY B 133 18.62 -8.97 -3.79
CA GLY B 133 19.91 -9.67 -3.85
C GLY B 133 20.76 -9.57 -2.58
N MSE B 134 20.60 -8.48 -1.82
CA MSE B 134 21.28 -8.31 -0.53
C MSE B 134 20.79 -9.29 0.53
O MSE B 134 21.58 -9.73 1.35
CB MSE B 134 21.08 -6.91 0.05
CG MSE B 134 21.90 -5.83 -0.65
SE MSE B 134 21.19 -4.11 -0.06
CE MSE B 134 22.04 -3.05 -1.47
N VAL B 135 19.49 -9.63 0.51
CA VAL B 135 18.90 -10.51 1.52
C VAL B 135 19.16 -11.95 1.14
N LYS B 136 20.06 -12.59 1.88
CA LYS B 136 20.41 -13.98 1.66
C LYS B 136 19.33 -14.80 2.33
N ARG B 137 18.98 -15.91 1.69
CA ARG B 137 17.92 -16.80 2.13
C ARG B 137 18.31 -18.24 1.97
N TRP B 138 17.60 -19.08 2.71
CA TRP B 138 17.72 -20.54 2.61
C TRP B 138 16.44 -21.16 3.14
N SER B 139 15.99 -22.22 2.46
CA SER B 139 14.85 -23.01 2.90
C SER B 139 15.09 -24.49 2.65
N SER B 140 14.43 -25.31 3.48
CA SER B 140 14.46 -26.77 3.35
C SER B 140 13.62 -27.25 2.13
N LEU B 141 12.76 -26.37 1.59
CA LEU B 141 11.97 -26.62 0.38
C LEU B 141 12.35 -25.65 -0.75
N ALA B 142 13.59 -25.13 -0.72
CA ALA B 142 14.07 -24.17 -1.72
C ALA B 142 14.20 -24.82 -3.09
N GLY B 143 14.15 -23.97 -4.12
CA GLY B 143 14.31 -24.37 -5.53
C GLY B 143 13.15 -23.94 -6.41
N GLU B 144 12.81 -24.78 -7.39
CA GLU B 144 11.75 -24.49 -8.37
C GLU B 144 10.39 -24.19 -7.72
N PRO B 145 9.56 -23.33 -8.37
CA PRO B 145 8.20 -23.13 -7.85
C PRO B 145 7.39 -24.43 -7.96
N PHE B 146 6.44 -24.64 -7.05
CA PHE B 146 5.59 -25.85 -7.06
C PHE B 146 4.15 -25.62 -6.59
N GLU B 147 3.21 -26.34 -7.23
CA GLU B 147 1.78 -26.33 -6.86
C GLU B 147 1.61 -26.95 -5.46
N GLU B 148 0.51 -26.63 -4.80
CA GLU B 148 0.24 -27.12 -3.43
C GLU B 148 0.42 -28.65 -3.26
N ARG B 149 1.17 -29.05 -2.22
CA ARG B 149 1.40 -30.45 -1.86
C ARG B 149 0.72 -30.69 -0.50
N LEU B 150 -0.32 -31.52 -0.52
CA LEU B 150 -1.10 -31.88 0.68
C LEU B 150 -0.33 -32.93 1.46
N GLY B 151 -0.44 -32.86 2.78
CA GLY B 151 0.26 -33.76 3.71
C GLY B 151 1.13 -32.98 4.68
N GLU B 152 1.24 -33.50 5.92
CA GLU B 152 1.99 -32.89 7.03
C GLU B 152 3.42 -32.69 6.57
N CYS B 153 3.93 -31.47 6.69
CA CYS B 153 5.28 -31.13 6.23
C CYS B 153 5.99 -30.19 7.19
N SER B 154 7.20 -30.59 7.63
CA SER B 154 8.06 -29.78 8.49
C SER B 154 9.08 -29.06 7.62
N TRP B 155 9.10 -27.72 7.65
CA TRP B 155 10.10 -26.95 6.90
C TRP B 155 10.67 -25.84 7.73
N GLU B 156 11.82 -25.35 7.27
CA GLU B 156 12.54 -24.27 7.94
C GLU B 156 12.98 -23.26 6.91
N LEU B 157 13.12 -22.02 7.35
CA LEU B 157 13.52 -20.92 6.49
C LEU B 157 14.34 -19.88 7.24
N VAL B 158 15.30 -19.31 6.52
CA VAL B 158 16.23 -18.33 7.08
C VAL B 158 16.31 -17.10 6.20
N MSE B 159 16.44 -15.95 6.85
CA MSE B 159 16.66 -14.67 6.19
C MSE B 159 17.82 -13.98 6.88
O MSE B 159 17.86 -13.90 8.10
CB MSE B 159 15.44 -13.77 6.29
CG MSE B 159 14.30 -14.23 5.41
SE MSE B 159 12.92 -12.82 5.38
CE MSE B 159 11.56 -13.51 6.59
N VAL B 160 18.80 -13.53 6.09
CA VAL B 160 19.93 -12.76 6.57
C VAL B 160 19.69 -11.38 5.96
N ILE B 161 19.25 -10.42 6.77
CA ILE B 161 18.89 -9.09 6.32
C ILE B 161 20.01 -8.07 6.62
N PRO B 162 20.79 -7.65 5.58
CA PRO B 162 21.82 -6.64 5.88
C PRO B 162 21.21 -5.29 6.18
N VAL B 163 21.92 -4.50 6.97
CA VAL B 163 21.48 -3.16 7.38
C VAL B 163 21.21 -2.26 6.14
N SER B 164 21.97 -2.48 5.06
CA SER B 164 21.78 -1.80 3.76
C SER B 164 20.45 -2.12 3.07
N ALA B 165 19.83 -3.26 3.40
CA ALA B 165 18.51 -3.60 2.85
C ALA B 165 17.37 -2.70 3.34
N PHE B 166 17.59 -1.89 4.39
CA PHE B 166 16.62 -0.87 4.79
C PHE B 166 16.83 0.29 3.79
N PHE B 167 16.37 0.02 2.56
CA PHE B 167 16.63 0.85 1.38
C PHE B 167 16.17 2.31 1.37
N GLN B 168 15.28 2.68 2.29
CA GLN B 168 14.87 4.09 2.47
C GLN B 168 15.59 4.80 3.64
N HIS B 169 16.60 4.17 4.25
CA HIS B 169 17.32 4.74 5.39
C HIS B 169 18.82 4.54 5.24
N SER B 170 19.58 5.25 6.06
CA SER B 170 21.03 5.15 6.14
C SER B 170 21.34 4.58 7.50
N VAL B 171 20.92 3.33 7.72
CA VAL B 171 21.14 2.65 8.99
C VAL B 171 22.59 2.12 8.93
N GLY B 172 23.39 2.52 9.92
CA GLY B 172 24.81 2.16 9.98
C GLY B 172 25.09 0.82 10.61
N SER B 173 24.77 0.72 11.91
CA SER B 173 25.05 -0.46 12.72
C SER B 173 23.92 -0.76 13.70
N LEU B 174 23.61 -2.04 13.85
CA LEU B 174 22.52 -2.50 14.73
C LEU B 174 22.84 -2.47 16.24
N ASP B 175 24.13 -2.37 16.59
CA ASP B 175 24.61 -2.38 17.99
C ASP B 175 23.86 -1.40 18.91
N GLY B 176 23.11 -1.96 19.87
CA GLY B 176 22.39 -1.17 20.87
C GLY B 176 21.13 -0.43 20.43
N LYS B 177 20.66 -0.64 19.21
CA LYS B 177 19.43 0.03 18.73
C LYS B 177 18.18 -0.67 19.27
N THR B 178 17.08 0.08 19.32
CA THR B 178 15.77 -0.46 19.72
C THR B 178 14.84 -0.22 18.54
N MSE B 179 14.35 -1.29 17.94
CA MSE B 179 13.42 -1.22 16.80
C MSE B 179 12.10 -1.81 17.22
O MSE B 179 11.99 -2.46 18.27
CB MSE B 179 13.95 -2.03 15.61
CG MSE B 179 15.32 -1.52 15.15
SE MSE B 179 15.77 -2.28 13.40
CE MSE B 179 17.57 -1.55 13.21
N LYS B 180 11.08 -1.57 16.40
CA LYS B 180 9.74 -2.10 16.61
C LYS B 180 9.33 -2.98 15.43
N GLY B 181 8.73 -4.13 15.71
CA GLY B 181 8.33 -5.05 14.64
C GLY B 181 7.40 -6.19 15.07
N ASN B 182 7.13 -7.08 14.13
CA ASN B 182 6.28 -8.25 14.38
C ASN B 182 6.64 -9.36 13.36
N PHE B 183 6.20 -10.57 13.66
CA PHE B 183 6.48 -11.76 12.83
C PHE B 183 5.16 -12.45 12.52
N TYR B 184 5.00 -12.92 11.27
CA TYR B 184 3.76 -13.59 10.86
C TYR B 184 3.92 -14.85 10.01
N LYS B 185 2.86 -15.66 10.02
CA LYS B 185 2.69 -16.87 9.22
C LYS B 185 1.34 -16.80 8.55
N CYS B 186 1.29 -17.22 7.29
CA CYS B 186 0.05 -17.24 6.54
C CYS B 186 0.16 -18.08 5.26
N GLY B 187 -0.94 -18.15 4.51
CA GLY B 187 -1.00 -18.82 3.23
C GLY B 187 -2.40 -18.67 2.70
N ASP B 188 -2.68 -17.52 2.08
CA ASP B 188 -4.03 -17.20 1.56
C ASP B 188 -4.65 -18.26 0.61
N LYS B 189 -3.86 -18.86 -0.28
CA LYS B 189 -4.34 -19.88 -1.24
C LYS B 189 -4.05 -21.36 -0.87
N LEU B 190 -3.68 -21.59 0.40
CA LEU B 190 -3.51 -22.96 0.92
C LEU B 190 -4.87 -23.59 1.17
N GLN B 191 -4.88 -24.91 1.40
CA GLN B 191 -6.13 -25.67 1.68
C GLN B 191 -6.87 -25.10 2.89
N THR B 192 -6.12 -24.77 3.95
CA THR B 192 -6.66 -24.17 5.17
C THR B 192 -5.89 -22.85 5.38
N PRO B 193 -6.42 -21.73 4.83
CA PRO B 193 -5.74 -20.44 5.08
C PRO B 193 -5.78 -20.10 6.56
N HIS B 194 -4.78 -19.35 7.00
CA HIS B 194 -4.62 -19.01 8.41
C HIS B 194 -3.80 -17.74 8.59
N PHE B 195 -3.88 -17.17 9.78
CA PHE B 195 -3.21 -15.90 10.10
C PHE B 195 -2.73 -15.90 11.53
N LEU B 196 -1.41 -15.96 11.69
CA LEU B 196 -0.73 -16.02 12.99
C LEU B 196 0.27 -14.87 13.16
N SER B 197 0.37 -14.38 14.38
CA SER B 197 1.33 -13.31 14.74
C SER B 197 2.10 -13.63 16.04
N TRP B 198 3.21 -12.91 16.24
CA TRP B 198 4.03 -13.03 17.43
C TRP B 198 3.42 -12.17 18.54
N SER B 199 3.38 -10.86 18.30
CA SER B 199 2.77 -9.93 19.25
C SER B 199 1.31 -9.78 18.78
N PRO B 200 0.33 -9.68 19.74
CA PRO B 200 -1.09 -9.62 19.34
C PRO B 200 -1.57 -8.36 18.61
N ILE B 201 -2.65 -8.52 17.85
CA ILE B 201 -3.28 -7.48 17.03
C ILE B 201 -4.76 -7.47 17.37
N GLY B 202 -5.31 -6.26 17.57
CA GLY B 202 -6.71 -6.07 17.96
C GLY B 202 -7.59 -5.41 16.92
N LEU B 203 -7.30 -5.62 15.63
CA LEU B 203 -8.10 -5.06 14.54
C LEU B 203 -9.21 -6.06 14.26
N GLU B 204 -10.34 -5.54 13.76
CA GLU B 204 -11.55 -6.36 13.48
C GLU B 204 -11.36 -7.62 12.62
N ARG B 205 -10.36 -7.62 11.74
CA ARG B 205 -10.12 -8.73 10.79
C ARG B 205 -8.62 -8.82 10.41
N PRO B 206 -8.19 -9.90 9.69
CA PRO B 206 -6.75 -10.08 9.36
C PRO B 206 -6.10 -8.93 8.57
N MSE B 207 -5.29 -8.17 9.30
CA MSE B 207 -4.56 -7.01 8.79
C MSE B 207 -3.21 -7.03 9.46
O MSE B 207 -3.15 -7.03 10.69
CB MSE B 207 -5.39 -5.79 9.18
CG MSE B 207 -6.68 -5.68 8.38
SE MSE B 207 -7.38 -3.82 8.43
CE MSE B 207 -8.92 -4.18 9.61
N PHE B 208 -2.14 -7.09 8.68
CA PHE B 208 -0.76 -7.15 9.23
C PHE B 208 0.02 -5.83 9.17
N HIS B 209 -0.40 -4.88 8.32
CA HIS B 209 0.32 -3.57 8.15
C HIS B 209 -0.09 -2.54 9.22
N CYS B 210 0.15 -2.90 10.49
CA CYS B 210 -0.31 -2.14 11.65
C CYS B 210 0.79 -1.87 12.68
N PRO B 211 1.59 -0.79 12.46
CA PRO B 211 2.70 -0.40 13.37
C PRO B 211 2.31 -0.18 14.83
N ALA B 212 1.07 0.21 15.07
CA ALA B 212 0.55 0.37 16.45
C ALA B 212 0.64 -0.93 17.27
N PHE B 213 0.46 -2.08 16.61
CA PHE B 213 0.52 -3.42 17.25
C PHE B 213 1.88 -4.15 17.20
N PHE B 214 2.93 -3.51 16.65
CA PHE B 214 4.28 -4.09 16.68
C PHE B 214 4.81 -4.20 18.11
N GLY B 215 5.63 -5.22 18.32
CA GLY B 215 6.32 -5.44 19.58
C GLY B 215 7.64 -4.69 19.54
N THR B 216 8.43 -4.82 20.62
CA THR B 216 9.73 -4.14 20.77
C THR B 216 10.88 -5.13 20.58
N LEU B 217 11.93 -4.67 19.88
CA LEU B 217 13.13 -5.46 19.56
C LEU B 217 14.37 -4.71 20.07
N SER B 218 14.93 -5.20 21.17
CA SER B 218 16.12 -4.61 21.81
C SER B 218 17.40 -5.33 21.36
N PHE B 219 18.13 -4.70 20.44
CA PHE B 219 19.40 -5.22 19.91
C PHE B 219 20.53 -4.96 20.91
N GLU B 220 21.32 -6.00 21.21
CA GLU B 220 22.45 -5.95 22.15
C GLU B 220 23.57 -5.01 21.66
S CXS C . 1.22 8.82 -2.07
O1 CXS C . 0.90 9.11 -0.72
O2 CXS C . 1.82 7.52 -2.16
O3 CXS C . -0.16 8.84 -2.93
C1 CXS C . 2.26 9.97 -2.63
C2 CXS C . 3.63 9.68 -2.07
C3 CXS C . 4.60 10.73 -2.58
N CXS C . 5.95 10.31 -2.28
C4 CXS C . 7.03 10.80 -3.06
C5 CXS C . 7.64 11.98 -2.33
C6 CXS C . 8.81 12.58 -3.10
C7 CXS C . 9.88 11.53 -3.41
C8 CXS C . 9.27 10.28 -4.07
C9 CXS C . 8.09 9.73 -3.27
S SO4 D . 2.52 1.12 -16.62
O1 SO4 D . 3.12 0.01 -15.86
O2 SO4 D . 3.33 1.43 -17.84
O3 SO4 D . 1.11 0.78 -17.03
O4 SO4 D . 2.56 2.31 -15.75
S SO4 E . -9.06 -8.84 -13.09
O1 SO4 E . -7.62 -8.63 -13.35
O2 SO4 E . -9.56 -10.02 -13.84
O3 SO4 E . -9.27 -8.96 -11.61
O4 SO4 E . -9.83 -7.70 -13.62
S SO4 F . -27.23 2.53 0.79
O1 SO4 F . -26.16 2.66 1.81
O2 SO4 F . -27.16 1.18 0.20
O3 SO4 F . -28.56 2.71 1.38
O4 SO4 F . -27.04 3.56 -0.26
S SO4 G . -3.21 -6.62 -6.04
O1 SO4 G . -3.28 -6.40 -4.57
O2 SO4 G . -2.23 -7.69 -6.28
O3 SO4 G . -4.53 -6.99 -6.60
O4 SO4 G . -2.74 -5.40 -6.76
S CXS H . -2.23 -7.97 4.93
O1 CXS H . -2.58 -6.99 5.93
O2 CXS H . -2.38 -7.36 3.64
O3 CXS H . -0.66 -8.42 5.04
C1 CXS H . -3.13 -9.38 5.03
C2 CXS H . -4.55 -9.16 4.50
C3 CXS H . -5.38 -10.42 4.62
N CXS H . -6.77 -10.14 4.24
C4 CXS H . -7.83 -11.05 4.59
C5 CXS H . -9.09 -10.26 4.99
C6 CXS H . -10.25 -11.20 5.34
C7 CXS H . -10.50 -12.26 4.25
C8 CXS H . -9.23 -12.99 3.85
C9 CXS H . -8.13 -12.00 3.45
S CXS I . 6.47 -0.09 -6.93
O1 CXS I . 6.23 -0.23 -8.32
O2 CXS I . 5.56 0.89 -6.32
O3 CXS I . 6.06 -1.60 -6.45
C1 CXS I . 8.11 0.29 -6.80
C2 CXS I . 8.47 1.67 -7.36
C3 CXS I . 9.68 2.44 -6.79
N CXS I . 9.50 3.88 -6.73
C4 CXS I . 10.59 4.80 -6.36
C5 CXS I . 11.08 5.64 -7.54
C6 CXS I . 12.26 6.56 -7.16
C7 CXS I . 11.96 7.43 -5.92
C8 CXS I . 11.35 6.64 -4.77
C9 CXS I . 10.18 5.74 -5.21
S SO4 J . 14.80 -3.08 -10.35
O1 SO4 J . 15.91 -3.86 -9.76
O2 SO4 J . 15.32 -2.40 -11.57
O3 SO4 J . 13.65 -3.95 -10.71
O4 SO4 J . 14.34 -2.06 -9.38
S SO4 K . -11.99 -12.83 17.14
O1 SO4 K . -10.73 -13.50 17.52
O2 SO4 K . -12.35 -13.18 15.74
O3 SO4 K . -13.07 -13.25 18.07
O4 SO4 K . -11.80 -11.36 17.26
#